data_5TVQ
#
_entry.id   5TVQ
#
_cell.length_a   106.838
_cell.length_b   106.838
_cell.length_c   56.585
_cell.angle_alpha   90.000
_cell.angle_beta   90.000
_cell.angle_gamma   120.000
#
_symmetry.space_group_name_H-M   'P 64'
#
loop_
_entity.id
_entity.type
_entity.pdbx_description
1 polymer 'Tyrosyl-DNA phosphodiesterase 2'
2 polymer 'Small ubiquitin-related modifier 2'
3 non-polymer 'CALCIUM ION'
4 non-polymer 'ACETATE ION'
5 water water
#
loop_
_entity_poly.entity_id
_entity_poly.type
_entity_poly.pdbx_seq_one_letter_code
_entity_poly.pdbx_strand_id
1 'polypeptide(L)'
;SKGLEDSSTISFITWNIDGLDGCNLPERARGVCSCLALYSPDVVFLQEVIPPYCAYLKKRAASYTIITGNEEGYFTAILL
KKGRVKFKSQEIIPFPNTKMMRNLLCVNVSLGGNEFCLMTSHLESTREHSAERIRQLKTVLGKMQEAPDSTTVIFAGDTN
LRDQEVIKCGGLPDNVFDAWEFLGKPKHCQYTWDTKANNNLRIPAAYKHRFDRIFFRAEEGHLIPQSLDLVGLEKLDCGR
FPSDHWGLLCTLNVVL
;
A
2 'polypeptide(L)'
;SNVKTENNDHINLKVAGQDGSVVQFKIKRHTPLSKLMKAYCERQGLSMRQIRFRFDGQPINETDTPAQLEMEDEDTIDVF
QQQTGG
;
B
#
loop_
_chem_comp.id
_chem_comp.type
_chem_comp.name
_chem_comp.formula
ACT non-polymer 'ACETATE ION' 'C2 H3 O2 -1'
CA non-polymer 'CALCIUM ION' 'Ca 2'
#
# COMPACT_ATOMS: atom_id res chain seq x y z
N LEU A 4 -12.99 -14.68 -13.85
CA LEU A 4 -12.63 -13.29 -14.10
C LEU A 4 -11.80 -12.73 -12.94
N GLU A 5 -10.71 -12.05 -13.28
CA GLU A 5 -9.77 -11.53 -12.30
C GLU A 5 -9.49 -10.05 -12.57
N ASP A 6 -9.32 -9.26 -11.53
CA ASP A 6 -9.14 -7.81 -11.65
C ASP A 6 -7.70 -7.47 -11.26
N SER A 7 -6.88 -7.27 -12.28
CA SER A 7 -5.50 -6.84 -12.08
C SER A 7 -5.35 -5.34 -11.79
N SER A 8 -6.42 -4.54 -11.90
CA SER A 8 -6.32 -3.08 -11.82
C SER A 8 -6.75 -2.52 -10.47
N THR A 9 -6.85 -3.34 -9.43
CA THR A 9 -7.26 -2.88 -8.11
C THR A 9 -6.38 -3.59 -7.08
N ILE A 10 -5.68 -2.80 -6.29
CA ILE A 10 -4.84 -3.30 -5.20
C ILE A 10 -5.37 -2.73 -3.89
N SER A 11 -5.18 -3.48 -2.82
CA SER A 11 -5.65 -3.04 -1.52
C SER A 11 -4.56 -3.24 -0.49
N PHE A 12 -4.56 -2.40 0.53
CA PHE A 12 -3.61 -2.59 1.61
C PHE A 12 -4.17 -1.93 2.86
N ILE A 13 -3.62 -2.33 3.98
CA ILE A 13 -3.90 -1.72 5.26
C ILE A 13 -2.58 -1.27 5.86
N THR A 14 -2.60 -0.15 6.56
CA THR A 14 -1.42 0.31 7.32
C THR A 14 -1.87 0.59 8.72
N TRP A 15 -1.05 0.21 9.69
CA TRP A 15 -1.59 0.09 11.05
C TRP A 15 -0.47 0.00 12.08
N ASN A 16 -0.36 1.00 12.94
CA ASN A 16 0.54 0.88 14.08
C ASN A 16 -0.22 0.09 15.12
N ILE A 17 0.28 -1.10 15.43
CA ILE A 17 -0.49 -2.06 16.24
C ILE A 17 -0.06 -2.02 17.71
N ASP A 18 0.76 -1.03 18.09
CA ASP A 18 1.08 -0.75 19.50
C ASP A 18 1.72 -1.98 20.16
N GLY A 19 2.73 -2.55 19.51
CA GLY A 19 3.46 -3.64 20.12
C GLY A 19 4.07 -3.28 21.47
N LEU A 20 4.22 -1.99 21.78
CA LEU A 20 4.76 -1.50 23.04
C LEU A 20 3.76 -1.54 24.18
N ASP A 21 2.57 -2.10 23.96
CA ASP A 21 1.59 -2.30 25.03
C ASP A 21 1.49 -3.80 25.29
N GLY A 22 2.11 -4.24 26.38
CA GLY A 22 2.27 -5.66 26.64
C GLY A 22 1.02 -6.32 27.18
N CYS A 23 0.17 -5.55 27.86
CA CYS A 23 -1.04 -6.13 28.42
C CYS A 23 -2.05 -6.32 27.28
N ASN A 24 -2.69 -7.50 27.27
CA ASN A 24 -3.63 -7.92 26.22
C ASN A 24 -2.92 -8.15 24.89
N LEU A 25 -1.68 -8.64 24.95
CA LEU A 25 -0.93 -8.85 23.71
C LEU A 25 -1.56 -9.96 22.88
N PRO A 26 -1.66 -11.21 23.34
CA PRO A 26 -2.30 -12.24 22.51
C PRO A 26 -3.67 -11.86 21.96
N GLU A 27 -4.50 -11.20 22.76
CA GLU A 27 -5.88 -10.94 22.35
C GLU A 27 -5.94 -9.91 21.23
N ARG A 28 -5.37 -8.73 21.46
CA ARG A 28 -5.36 -7.67 20.45
C ARG A 28 -4.68 -8.13 19.17
N ALA A 29 -3.65 -8.96 19.28
CA ALA A 29 -3.04 -9.56 18.11
C ALA A 29 -4.05 -10.36 17.30
N ARG A 30 -4.75 -11.28 17.94
CA ARG A 30 -5.80 -12.02 17.24
C ARG A 30 -6.82 -11.07 16.63
N GLY A 31 -7.16 -9.99 17.34
CA GLY A 31 -8.06 -9.00 16.79
C GLY A 31 -7.58 -8.46 15.46
N VAL A 32 -6.29 -8.07 15.40
CA VAL A 32 -5.72 -7.53 14.18
C VAL A 32 -5.76 -8.55 13.05
N CYS A 33 -5.41 -9.81 13.36
CA CYS A 33 -5.41 -10.85 12.33
C CYS A 33 -6.82 -11.09 11.81
N SER A 34 -7.80 -10.95 12.66
CA SER A 34 -9.16 -11.16 12.20
C SER A 34 -9.58 -10.00 11.30
N CYS A 35 -9.22 -8.78 11.69
CA CYS A 35 -9.49 -7.65 10.81
C CYS A 35 -8.84 -7.89 9.46
N LEU A 36 -7.62 -8.42 9.44
CA LEU A 36 -6.93 -8.73 8.19
C LEU A 36 -7.65 -9.79 7.38
N ALA A 37 -8.14 -10.84 8.03
CA ALA A 37 -8.87 -11.92 7.33
C ALA A 37 -10.16 -11.42 6.71
N LEU A 38 -10.82 -10.48 7.38
CA LEU A 38 -12.04 -9.88 6.83
C LEU A 38 -11.77 -9.31 5.46
N TYR A 39 -10.78 -8.43 5.38
CA TYR A 39 -10.51 -7.66 4.18
C TYR A 39 -9.51 -8.36 3.24
N SER A 40 -8.63 -9.23 3.77
CA SER A 40 -7.68 -9.98 2.96
C SER A 40 -6.87 -9.06 2.02
N PRO A 41 -6.23 -8.04 2.56
CA PRO A 41 -5.49 -7.12 1.69
C PRO A 41 -4.29 -7.77 1.03
N ASP A 42 -3.89 -7.20 -0.11
CA ASP A 42 -2.70 -7.65 -0.84
C ASP A 42 -1.42 -7.36 -0.06
N VAL A 43 -1.38 -6.23 0.64
CA VAL A 43 -0.21 -5.83 1.41
C VAL A 43 -0.71 -5.31 2.75
N VAL A 44 0.01 -5.62 3.83
CA VAL A 44 -0.18 -5.00 5.12
C VAL A 44 1.13 -4.28 5.52
N PHE A 45 1.04 -2.99 5.88
CA PHE A 45 2.16 -2.24 6.47
C PHE A 45 1.94 -2.15 7.98
N LEU A 46 2.83 -2.78 8.75
CA LEU A 46 2.75 -2.82 10.21
C LEU A 46 3.87 -1.99 10.80
N GLN A 47 3.54 -1.25 11.86
CA GLN A 47 4.55 -0.58 12.66
C GLN A 47 4.41 -1.00 14.12
N GLU A 48 5.47 -0.74 14.90
CA GLU A 48 5.54 -1.03 16.33
C GLU A 48 5.26 -2.52 16.59
N VAL A 49 5.86 -3.37 15.74
CA VAL A 49 5.76 -4.82 15.89
C VAL A 49 6.87 -5.28 16.80
N ILE A 50 6.52 -6.15 17.74
CA ILE A 50 7.54 -6.75 18.61
C ILE A 50 7.72 -8.20 18.16
N PRO A 51 8.77 -8.89 18.61
CA PRO A 51 9.01 -10.27 18.13
C PRO A 51 7.89 -11.22 18.54
N PRO A 52 7.30 -11.05 19.73
CA PRO A 52 6.16 -11.91 20.07
C PRO A 52 4.97 -11.67 19.16
N TYR A 53 4.88 -10.50 18.56
CA TYR A 53 3.79 -10.22 17.65
C TYR A 53 4.06 -10.79 16.26
N CYS A 54 5.34 -10.94 15.88
CA CYS A 54 5.68 -11.58 14.60
C CYS A 54 5.33 -13.06 14.62
N ALA A 55 5.74 -13.76 15.67
CA ALA A 55 5.43 -15.18 15.76
C ALA A 55 3.93 -15.43 15.58
N TYR A 56 3.09 -14.54 16.14
CA TYR A 56 1.65 -14.70 15.96
C TYR A 56 1.27 -14.67 14.50
N LEU A 57 1.89 -13.76 13.75
CA LEU A 57 1.55 -13.57 12.35
C LEU A 57 1.99 -14.75 11.48
N LYS A 58 3.10 -15.40 11.84
CA LYS A 58 3.60 -16.53 11.05
C LYS A 58 2.55 -17.63 10.89
N LYS A 59 1.86 -17.95 11.97
CA LYS A 59 0.89 -19.03 11.94
C LYS A 59 -0.55 -18.54 11.89
N ARG A 60 -0.87 -17.36 12.40
CA ARG A 60 -2.24 -16.86 12.26
C ARG A 60 -2.49 -16.31 10.86
N ALA A 61 -1.60 -15.45 10.37
CA ALA A 61 -1.65 -14.94 8.99
C ALA A 61 -0.65 -15.68 8.09
N ALA A 62 -0.69 -17.03 8.09
CA ALA A 62 0.34 -17.79 7.39
C ALA A 62 0.30 -17.59 5.89
N SER A 63 -0.73 -16.92 5.37
CA SER A 63 -0.90 -16.65 3.94
C SER A 63 -0.17 -15.40 3.48
N TYR A 64 0.47 -14.67 4.39
CA TYR A 64 1.29 -13.52 4.06
C TYR A 64 2.76 -13.87 4.30
N THR A 65 3.60 -13.61 3.31
CA THR A 65 5.04 -13.60 3.53
C THR A 65 5.39 -12.35 4.32
N ILE A 66 6.40 -12.46 5.17
CA ILE A 66 6.69 -11.41 6.15
C ILE A 66 8.13 -10.93 6.01
N ILE A 67 8.30 -9.62 5.97
CA ILE A 67 9.59 -8.95 5.82
C ILE A 67 9.66 -7.87 6.89
N THR A 68 10.70 -7.91 7.71
CA THR A 68 10.76 -7.06 8.89
C THR A 68 11.86 -6.05 8.75
N GLY A 69 11.64 -4.87 9.38
CA GLY A 69 12.59 -3.77 9.39
C GLY A 69 13.69 -3.91 10.38
N ASN A 70 13.63 -4.96 11.20
CA ASN A 70 14.59 -5.19 12.26
C ASN A 70 14.29 -6.54 12.92
N GLU A 71 14.79 -6.76 14.13
CA GLU A 71 14.51 -7.98 14.87
C GLU A 71 14.52 -7.76 16.37
N GLU A 72 15.04 -6.62 16.79
CA GLU A 72 15.16 -6.33 18.20
C GLU A 72 14.21 -5.19 18.54
N GLY A 73 13.61 -5.28 19.71
CA GLY A 73 12.79 -4.22 20.24
C GLY A 73 11.48 -4.13 19.51
N TYR A 74 11.27 -3.00 18.84
CA TYR A 74 10.08 -2.83 18.02
C TYR A 74 10.52 -2.30 16.67
N PHE A 75 9.84 -2.78 15.63
CA PHE A 75 10.20 -2.47 14.27
C PHE A 75 8.94 -2.49 13.42
N THR A 76 9.15 -2.17 12.15
CA THR A 76 8.14 -2.21 11.11
C THR A 76 8.17 -3.56 10.41
N ALA A 77 7.13 -3.79 9.60
CA ALA A 77 7.02 -5.00 8.81
C ALA A 77 6.04 -4.78 7.68
N ILE A 78 6.33 -5.41 6.54
CA ILE A 78 5.41 -5.44 5.39
C ILE A 78 5.03 -6.89 5.11
N LEU A 79 3.72 -7.14 5.00
CA LEU A 79 3.19 -8.47 4.73
C LEU A 79 2.65 -8.54 3.31
N LEU A 80 3.12 -9.52 2.54
CA LEU A 80 2.73 -9.70 1.14
C LEU A 80 1.89 -10.95 1.01
N LYS A 81 0.75 -10.83 0.34
CA LYS A 81 -0.16 -11.95 0.14
C LYS A 81 0.46 -12.97 -0.81
N LYS A 82 0.68 -14.19 -0.30
CA LYS A 82 1.27 -15.25 -1.11
C LYS A 82 0.37 -15.58 -2.30
N GLY A 83 0.93 -15.50 -3.51
CA GLY A 83 0.17 -15.79 -4.71
C GLY A 83 -0.22 -14.55 -5.49
N ARG A 84 -0.65 -13.50 -4.78
CA ARG A 84 -0.91 -12.23 -5.44
C ARG A 84 0.39 -11.45 -5.66
N VAL A 85 1.24 -11.39 -4.63
CA VAL A 85 2.43 -10.53 -4.66
C VAL A 85 3.66 -11.39 -4.88
N LYS A 86 4.54 -10.90 -5.75
CA LYS A 86 5.80 -11.56 -6.09
C LYS A 86 6.93 -10.70 -5.53
N PHE A 87 7.56 -11.19 -4.49
CA PHE A 87 8.70 -10.48 -3.91
C PHE A 87 9.84 -10.42 -4.92
N LYS A 88 10.31 -9.20 -5.19
CA LYS A 88 11.47 -8.97 -6.04
C LYS A 88 12.72 -8.68 -5.21
N SER A 89 12.68 -7.63 -4.38
CA SER A 89 13.85 -7.31 -3.55
C SER A 89 13.39 -6.49 -2.35
N GLN A 90 14.38 -6.10 -1.53
CA GLN A 90 14.16 -5.58 -0.18
C GLN A 90 15.32 -4.69 0.18
N GLU A 91 15.03 -3.63 0.93
CA GLU A 91 16.07 -2.66 1.23
C GLU A 91 15.68 -1.90 2.48
N ILE A 92 16.65 -1.67 3.35
CA ILE A 92 16.44 -0.96 4.61
C ILE A 92 17.32 0.27 4.62
N ILE A 93 16.69 1.44 4.68
CA ILE A 93 17.38 2.73 4.66
C ILE A 93 17.38 3.27 6.10
N PRO A 94 18.55 3.54 6.71
CA PRO A 94 18.59 4.03 8.10
C PRO A 94 18.23 5.52 8.22
N PHE A 95 17.81 5.89 9.44
CA PHE A 95 17.65 7.28 9.84
C PHE A 95 18.80 7.63 10.78
N PRO A 96 19.85 8.27 10.32
CA PRO A 96 21.11 8.30 11.11
C PRO A 96 20.96 8.87 12.50
N ASN A 97 20.13 9.90 12.68
CA ASN A 97 19.97 10.50 14.01
C ASN A 97 18.83 9.91 14.81
N THR A 98 18.30 8.76 14.42
CA THR A 98 17.17 8.20 15.14
C THR A 98 17.59 7.84 16.56
N LYS A 99 16.78 8.30 17.50
CA LYS A 99 16.91 7.92 18.90
C LYS A 99 15.90 6.84 19.28
N MET A 100 15.18 6.28 18.31
CA MET A 100 14.17 5.26 18.58
C MET A 100 14.20 4.14 17.55
N MET A 101 15.37 3.93 16.92
CA MET A 101 15.62 2.76 16.07
C MET A 101 14.67 2.72 14.88
N ARG A 102 14.27 3.90 14.40
CA ARG A 102 13.37 4.02 13.26
C ARG A 102 14.19 3.95 11.98
N ASN A 103 13.49 3.56 10.90
CA ASN A 103 14.12 3.37 9.60
C ASN A 103 13.05 3.23 8.52
N LEU A 104 13.52 3.19 7.28
CA LEU A 104 12.64 3.16 6.13
C LEU A 104 12.81 1.79 5.52
N LEU A 105 11.76 1.00 5.53
CA LEU A 105 11.75 -0.34 4.97
C LEU A 105 11.12 -0.29 3.58
N CYS A 106 11.84 -0.80 2.58
CA CYS A 106 11.44 -0.74 1.17
C CYS A 106 11.41 -2.14 0.58
N VAL A 107 10.29 -2.48 -0.05
CA VAL A 107 10.10 -3.79 -0.61
C VAL A 107 9.67 -3.58 -2.06
N ASN A 108 10.52 -3.97 -2.99
CA ASN A 108 10.12 -3.97 -4.39
C ASN A 108 9.42 -5.28 -4.70
N VAL A 109 8.19 -5.17 -5.26
CA VAL A 109 7.36 -6.34 -5.52
C VAL A 109 6.74 -6.21 -6.89
N SER A 110 6.10 -7.31 -7.29
CA SER A 110 5.17 -7.34 -8.39
C SER A 110 3.80 -7.72 -7.87
N LEU A 111 2.79 -7.04 -8.42
CA LEU A 111 1.39 -7.26 -8.07
C LEU A 111 0.52 -6.95 -9.29
N GLY A 112 -0.26 -7.94 -9.72
CA GLY A 112 -1.10 -7.81 -10.90
C GLY A 112 -0.30 -7.60 -12.18
N GLY A 113 1.01 -7.85 -12.09
CA GLY A 113 1.95 -7.54 -13.14
C GLY A 113 2.50 -6.14 -13.10
N ASN A 114 2.16 -5.38 -12.07
CA ASN A 114 2.61 -4.01 -11.93
C ASN A 114 3.79 -4.00 -10.97
N GLU A 115 4.85 -3.27 -11.35
CA GLU A 115 6.02 -3.11 -10.48
C GLU A 115 5.69 -2.13 -9.39
N PHE A 116 5.93 -2.53 -8.14
CA PHE A 116 5.78 -1.63 -7.01
C PHE A 116 7.04 -1.58 -6.18
N CYS A 117 7.29 -0.39 -5.64
CA CYS A 117 8.16 -0.20 -4.49
C CYS A 117 7.29 0.24 -3.33
N LEU A 118 7.23 -0.60 -2.30
CA LEU A 118 6.40 -0.43 -1.12
C LEU A 118 7.30 -0.05 0.04
N MET A 119 6.90 0.99 0.76
CA MET A 119 7.74 1.55 1.80
C MET A 119 6.88 1.81 3.00
N THR A 120 7.43 1.57 4.18
CA THR A 120 6.77 1.90 5.42
C THR A 120 7.81 2.38 6.39
N SER A 121 7.32 3.16 7.35
CA SER A 121 8.18 3.61 8.44
C SER A 121 7.28 4.08 9.56
N HIS A 122 7.90 4.32 10.70
CA HIS A 122 7.31 4.77 11.96
C HIS A 122 8.22 5.92 12.35
N LEU A 123 7.96 7.09 11.76
CA LEU A 123 8.82 8.24 11.96
C LEU A 123 8.82 8.67 13.41
N GLU A 124 9.92 9.33 13.78
CA GLU A 124 10.21 9.71 15.15
C GLU A 124 8.98 10.24 15.87
N SER A 125 8.87 9.90 17.15
CA SER A 125 7.68 10.15 17.94
C SER A 125 7.79 11.38 18.82
N THR A 126 6.62 11.78 19.35
CA THR A 126 6.48 12.84 20.35
C THR A 126 6.57 14.24 19.77
N ARG A 127 5.98 15.20 20.47
CA ARG A 127 5.98 16.59 20.03
C ARG A 127 7.39 17.16 19.97
N GLU A 128 8.25 16.79 20.92
CA GLU A 128 9.55 17.42 21.11
C GLU A 128 10.58 17.00 20.07
N HIS A 129 10.34 15.89 19.36
CA HIS A 129 11.26 15.43 18.33
C HIS A 129 10.80 15.83 16.93
N SER A 130 9.95 16.85 16.86
CA SER A 130 9.46 17.33 15.57
C SER A 130 10.60 17.55 14.58
N ALA A 131 11.70 18.14 15.02
CA ALA A 131 12.78 18.44 14.08
C ALA A 131 13.29 17.17 13.40
N GLU A 132 13.50 16.10 14.17
CA GLU A 132 13.97 14.85 13.57
C GLU A 132 12.88 14.20 12.73
N ARG A 133 11.63 14.35 13.15
CA ARG A 133 10.52 13.80 12.38
C ARG A 133 10.45 14.43 10.99
N ILE A 134 10.75 15.72 10.89
CA ILE A 134 10.72 16.37 9.59
C ILE A 134 11.90 15.89 8.74
N ARG A 135 13.09 15.78 9.33
CA ARG A 135 14.23 15.25 8.61
C ARG A 135 13.93 13.85 8.04
N GLN A 136 13.31 12.98 8.83
CA GLN A 136 12.94 11.67 8.31
C GLN A 136 11.92 11.78 7.18
N LEU A 137 10.94 12.66 7.31
CA LEU A 137 9.99 12.83 6.22
C LEU A 137 10.70 13.24 4.93
N LYS A 138 11.71 14.10 5.02
CA LYS A 138 12.44 14.51 3.83
C LYS A 138 13.23 13.35 3.24
N THR A 139 13.76 12.48 4.08
CA THR A 139 14.44 11.30 3.58
C THR A 139 13.45 10.39 2.85
N VAL A 140 12.28 10.17 3.45
CA VAL A 140 11.24 9.36 2.85
C VAL A 140 10.82 9.97 1.51
N LEU A 141 10.17 11.14 1.54
CA LEU A 141 9.93 11.96 0.35
C LEU A 141 11.10 11.86 -0.61
N GLY A 142 12.30 11.88 -0.07
CA GLY A 142 13.48 11.83 -0.93
C GLY A 142 13.61 10.47 -1.61
N LYS A 143 13.51 9.40 -0.82
CA LYS A 143 13.69 8.06 -1.38
C LYS A 143 12.61 7.72 -2.41
N MET A 144 11.39 8.25 -2.22
CA MET A 144 10.31 7.98 -3.16
C MET A 144 10.68 8.46 -4.57
N GLN A 145 11.51 9.48 -4.70
CA GLN A 145 11.82 10.00 -6.04
C GLN A 145 13.03 9.32 -6.68
N GLU A 146 13.98 8.84 -5.89
CA GLU A 146 15.08 8.05 -6.41
C GLU A 146 14.59 6.85 -7.20
N ALA A 147 13.39 6.35 -6.91
CA ALA A 147 12.95 5.09 -7.49
C ALA A 147 12.80 5.20 -9.00
N PRO A 148 12.92 4.07 -9.71
CA PRO A 148 12.82 4.11 -11.17
C PRO A 148 11.46 4.60 -11.65
N ASP A 149 11.48 5.41 -12.70
CA ASP A 149 10.26 5.97 -13.29
C ASP A 149 9.24 4.90 -13.57
N SER A 150 9.70 3.67 -13.84
CA SER A 150 8.80 2.61 -14.27
C SER A 150 7.92 2.10 -13.14
N THR A 151 8.47 2.06 -11.93
CA THR A 151 7.81 1.51 -10.75
C THR A 151 6.88 2.53 -10.12
N THR A 152 5.91 2.02 -9.38
CA THR A 152 4.98 2.87 -8.63
C THR A 152 5.33 2.74 -7.14
N VAL A 153 5.69 3.86 -6.53
CA VAL A 153 6.04 3.85 -5.11
C VAL A 153 4.81 4.14 -4.29
N ILE A 154 4.60 3.34 -3.25
CA ILE A 154 3.57 3.60 -2.25
C ILE A 154 4.23 3.61 -0.87
N PHE A 155 3.95 4.64 -0.09
CA PHE A 155 4.41 4.71 1.28
C PHE A 155 3.18 4.84 2.12
N ALA A 156 3.15 4.05 3.19
CA ALA A 156 2.10 4.14 4.17
C ALA A 156 2.71 3.80 5.53
N GLY A 157 2.47 4.67 6.50
CA GLY A 157 3.03 4.41 7.81
C GLY A 157 2.42 5.32 8.85
N ASP A 158 2.95 5.17 10.06
CA ASP A 158 2.72 6.04 11.19
C ASP A 158 3.76 7.14 11.13
N THR A 159 3.41 8.25 10.47
CA THR A 159 4.29 9.40 10.36
C THR A 159 4.41 10.19 11.64
N ASN A 160 3.49 10.02 12.59
CA ASN A 160 3.43 10.84 13.79
C ASN A 160 3.34 12.33 13.48
N LEU A 161 2.96 12.68 12.24
CA LEU A 161 2.96 14.09 11.81
C LEU A 161 1.85 14.90 12.47
N ARG A 162 2.12 16.19 12.68
CA ARG A 162 1.20 17.13 13.29
C ARG A 162 0.89 18.25 12.31
N ASP A 163 -0.16 19.00 12.62
CA ASP A 163 -0.60 20.06 11.73
C ASP A 163 0.53 21.06 11.50
N GLN A 164 0.66 21.49 10.25
CA GLN A 164 1.61 22.51 9.89
C GLN A 164 3.05 22.01 9.89
N GLU A 165 3.29 20.76 10.31
CA GLU A 165 4.63 20.21 10.18
C GLU A 165 4.96 19.94 8.72
N VAL A 166 4.06 19.29 7.99
CA VAL A 166 4.32 19.14 6.56
C VAL A 166 4.53 20.50 5.95
N ILE A 167 3.76 21.49 6.39
CA ILE A 167 3.87 22.84 5.85
C ILE A 167 5.28 23.39 6.07
N LYS A 168 5.89 23.11 7.24
CA LYS A 168 7.23 23.61 7.55
C LYS A 168 8.33 22.82 6.86
N CYS A 169 8.13 21.51 6.69
CA CYS A 169 9.11 20.68 5.99
C CYS A 169 9.28 21.10 4.54
N GLY A 170 8.37 21.91 3.99
CA GLY A 170 8.41 22.33 2.62
C GLY A 170 7.37 21.69 1.71
N GLY A 171 6.44 20.91 2.26
CA GLY A 171 5.34 20.39 1.46
C GLY A 171 5.70 19.19 0.61
N LEU A 172 4.72 18.30 0.40
CA LEU A 172 4.94 17.17 -0.46
C LEU A 172 5.37 17.67 -1.84
N PRO A 173 6.25 16.96 -2.52
CA PRO A 173 6.70 17.40 -3.84
C PRO A 173 5.66 17.07 -4.90
N ASP A 174 5.96 17.55 -6.11
CA ASP A 174 4.97 17.64 -7.18
C ASP A 174 4.40 16.28 -7.55
N ASN A 175 5.25 15.26 -7.65
CA ASN A 175 4.78 13.94 -8.05
C ASN A 175 4.44 13.05 -6.88
N VAL A 176 4.04 13.62 -5.74
CA VAL A 176 3.71 12.86 -4.54
C VAL A 176 2.40 13.42 -3.98
N PHE A 177 1.49 12.53 -3.62
CA PHE A 177 0.18 12.93 -3.17
C PHE A 177 -0.14 12.21 -1.89
N ASP A 178 -1.07 12.77 -1.13
CA ASP A 178 -1.56 12.15 0.09
C ASP A 178 -2.94 11.57 -0.22
N ALA A 179 -3.10 10.25 -0.06
CA ALA A 179 -4.33 9.58 -0.48
C ALA A 179 -5.55 10.23 0.14
N TRP A 180 -5.45 10.62 1.40
CA TRP A 180 -6.57 11.26 2.08
C TRP A 180 -6.87 12.62 1.46
N GLU A 181 -5.84 13.42 1.18
CA GLU A 181 -6.07 14.68 0.49
C GLU A 181 -6.62 14.44 -0.92
N PHE A 182 -6.19 13.36 -1.58
CA PHE A 182 -6.65 13.08 -2.94
C PHE A 182 -8.15 12.81 -2.98
N LEU A 183 -8.67 12.10 -1.97
CA LEU A 183 -10.08 11.70 -1.92
C LEU A 183 -10.98 12.79 -1.40
N GLY A 184 -10.42 13.96 -1.08
CA GLY A 184 -11.22 15.07 -0.65
C GLY A 184 -11.27 15.25 0.83
N LYS A 185 -10.26 14.76 1.56
CA LYS A 185 -10.13 14.92 3.00
C LYS A 185 -11.39 14.40 3.69
N PRO A 186 -11.78 13.15 3.46
CA PRO A 186 -13.03 12.65 4.05
C PRO A 186 -13.03 12.69 5.58
N LYS A 187 -14.20 13.02 6.15
CA LYS A 187 -14.29 13.21 7.59
C LYS A 187 -14.20 11.89 8.35
N HIS A 188 -14.79 10.82 7.80
CA HIS A 188 -14.95 9.59 8.57
C HIS A 188 -13.59 8.93 8.86
N CYS A 189 -12.60 9.16 8.02
CA CYS A 189 -11.28 8.60 8.25
C CYS A 189 -10.23 9.68 8.51
N GLN A 190 -10.66 10.84 9.03
CA GLN A 190 -9.74 11.95 9.16
C GLN A 190 -8.80 11.78 10.36
N TYR A 191 -9.19 11.02 11.37
CA TYR A 191 -8.33 10.80 12.53
C TYR A 191 -8.02 9.33 12.65
N THR A 192 -6.73 9.01 12.63
CA THR A 192 -6.24 7.66 12.86
C THR A 192 -5.80 7.45 14.31
N TRP A 193 -5.71 8.52 15.11
CA TRP A 193 -5.39 8.48 16.54
C TRP A 193 -6.43 9.35 17.25
N ASP A 194 -7.39 8.71 17.93
CA ASP A 194 -8.58 9.38 18.46
C ASP A 194 -8.85 8.92 19.89
N THR A 195 -8.54 9.78 20.87
CA THR A 195 -8.64 9.42 22.28
C THR A 195 -10.07 9.46 22.82
N LYS A 196 -11.01 10.10 22.11
CA LYS A 196 -12.39 10.11 22.59
C LYS A 196 -13.12 8.83 22.21
N ALA A 197 -12.82 8.30 21.02
CA ALA A 197 -13.42 7.06 20.55
C ALA A 197 -12.51 5.85 20.77
N ASN A 198 -11.41 6.03 21.48
CA ASN A 198 -10.46 4.95 21.72
C ASN A 198 -9.94 5.11 23.15
N ASN A 199 -9.88 4.00 23.90
CA ASN A 199 -9.53 4.05 25.32
C ASN A 199 -8.38 3.10 25.67
N ASN A 200 -7.42 2.90 24.76
CA ASN A 200 -6.31 1.97 25.02
C ASN A 200 -5.25 2.61 25.92
N LEU A 201 -4.69 3.76 25.51
CA LEU A 201 -3.67 4.43 26.31
C LEU A 201 -4.23 4.95 27.63
N ARG A 202 -5.56 5.07 27.77
CA ARG A 202 -6.21 5.46 29.03
C ARG A 202 -5.79 6.88 29.46
N ILE A 203 -5.91 7.83 28.52
CA ILE A 203 -5.63 9.23 28.79
C ILE A 203 -6.85 10.04 28.35
N PRO A 204 -7.86 10.23 29.23
CA PRO A 204 -9.05 11.01 28.81
C PRO A 204 -8.79 12.50 28.82
N ALA A 205 -8.28 13.03 27.70
CA ALA A 205 -8.09 14.45 27.54
C ALA A 205 -8.47 14.94 26.14
N ALA A 206 -8.89 14.05 25.23
CA ALA A 206 -9.41 14.44 23.92
C ALA A 206 -8.37 15.11 23.02
N TYR A 207 -7.29 14.39 22.69
CA TYR A 207 -6.32 14.81 21.67
C TYR A 207 -6.42 13.87 20.48
N LYS A 208 -6.39 14.40 19.26
CA LYS A 208 -6.52 13.55 18.08
C LYS A 208 -5.71 14.10 16.92
N HIS A 209 -5.15 13.18 16.14
CA HIS A 209 -4.24 13.55 15.06
C HIS A 209 -4.39 12.57 13.90
N ARG A 210 -3.92 13.00 12.73
CA ARG A 210 -3.81 12.13 11.55
C ARG A 210 -2.36 11.63 11.45
N PHE A 211 -2.03 10.70 12.34
CA PHE A 211 -0.66 10.18 12.36
C PHE A 211 -0.39 9.27 11.18
N ASP A 212 -1.38 8.49 10.76
CA ASP A 212 -1.19 7.46 9.75
C ASP A 212 -1.59 8.01 8.40
N ARG A 213 -0.65 7.96 7.46
CA ARG A 213 -0.82 8.63 6.19
C ARG A 213 -0.25 7.75 5.09
N ILE A 214 -0.87 7.86 3.92
CA ILE A 214 -0.44 7.17 2.72
C ILE A 214 0.04 8.20 1.73
N PHE A 215 1.29 8.08 1.30
CA PHE A 215 1.85 8.83 0.18
C PHE A 215 2.13 7.88 -0.98
N PHE A 216 2.08 8.42 -2.20
CA PHE A 216 2.38 7.60 -3.37
C PHE A 216 2.93 8.51 -4.45
N ARG A 217 3.90 8.00 -5.23
CA ARG A 217 4.40 8.71 -6.40
C ARG A 217 3.84 8.03 -7.63
N ALA A 218 3.48 8.82 -8.64
CA ALA A 218 2.95 8.26 -9.87
C ALA A 218 2.58 9.36 -10.85
N GLU A 219 2.76 9.11 -12.15
CA GLU A 219 2.28 10.03 -13.16
C GLU A 219 0.76 10.18 -13.08
N GLU A 220 0.24 11.31 -13.54
CA GLU A 220 -1.17 11.64 -13.31
C GLU A 220 -2.10 10.56 -13.89
N GLY A 221 -3.14 10.25 -13.11
CA GLY A 221 -4.14 9.27 -13.50
C GLY A 221 -3.65 7.85 -13.69
N HIS A 222 -2.48 7.50 -13.12
CA HIS A 222 -1.96 6.13 -13.24
C HIS A 222 -2.06 5.36 -11.94
N LEU A 223 -2.23 6.03 -10.83
CA LEU A 223 -2.56 5.39 -9.58
C LEU A 223 -3.68 6.23 -9.00
N ILE A 224 -4.85 5.66 -8.81
CA ILE A 224 -6.04 6.42 -8.43
C ILE A 224 -6.62 5.82 -7.14
N PRO A 225 -6.39 6.47 -6.01
CA PRO A 225 -7.12 6.10 -4.79
C PRO A 225 -8.62 6.06 -5.00
N GLN A 226 -9.23 4.94 -4.59
CA GLN A 226 -10.67 4.73 -4.69
C GLN A 226 -11.41 4.91 -3.36
N SER A 227 -10.84 4.43 -2.25
CA SER A 227 -11.51 4.55 -0.97
C SER A 227 -10.49 4.55 0.16
N LEU A 228 -10.90 5.14 1.28
CA LEU A 228 -10.12 5.13 2.51
C LEU A 228 -11.07 4.96 3.69
N ASP A 229 -10.72 4.04 4.60
CA ASP A 229 -11.60 3.63 5.69
C ASP A 229 -10.81 3.24 6.94
N LEU A 230 -11.32 3.61 8.11
CA LEU A 230 -10.73 3.10 9.36
C LEU A 230 -10.99 1.61 9.52
N VAL A 231 -10.03 0.93 10.16
CA VAL A 231 -10.21 -0.46 10.58
C VAL A 231 -9.68 -0.63 11.99
N GLY A 232 -10.16 -1.68 12.66
CA GLY A 232 -9.92 -1.88 14.07
C GLY A 232 -10.88 -1.13 14.94
N LEU A 233 -12.07 -0.81 14.43
CA LEU A 233 -13.11 -0.15 15.22
C LEU A 233 -13.84 -1.11 16.16
N GLU A 234 -13.46 -2.37 16.15
CA GLU A 234 -14.16 -3.43 16.87
C GLU A 234 -13.61 -3.52 18.29
N LYS A 235 -14.48 -3.27 19.27
CA LYS A 235 -14.12 -3.47 20.67
CA LYS A 235 -14.14 -3.47 20.68
C LYS A 235 -13.94 -4.96 20.94
N LEU A 236 -12.77 -5.33 21.44
CA LEU A 236 -12.42 -6.74 21.58
C LEU A 236 -13.03 -7.31 22.87
N ASP A 237 -12.56 -8.48 23.30
CA ASP A 237 -13.19 -9.17 24.43
C ASP A 237 -12.90 -8.47 25.75
N CYS A 238 -11.68 -8.00 25.93
CA CYS A 238 -11.30 -7.28 27.14
C CYS A 238 -11.99 -5.95 27.27
N GLY A 239 -12.67 -5.50 26.21
CA GLY A 239 -13.23 -4.16 26.15
C GLY A 239 -12.40 -3.17 25.37
N ARG A 240 -11.18 -3.55 25.00
CA ARG A 240 -10.25 -2.66 24.33
C ARG A 240 -10.26 -2.89 22.82
N PHE A 241 -9.66 -1.98 22.12
CA PHE A 241 -9.48 -2.14 20.69
C PHE A 241 -8.12 -2.75 20.37
N PRO A 242 -7.96 -3.36 19.18
CA PRO A 242 -6.66 -3.96 18.83
C PRO A 242 -5.45 -3.05 19.09
N SER A 243 -5.60 -1.73 18.92
CA SER A 243 -4.51 -0.79 19.15
C SER A 243 -5.05 0.54 19.71
N ASP A 244 -4.12 1.44 20.08
CA ASP A 244 -4.47 2.84 20.28
C ASP A 244 -4.63 3.61 18.97
N HIS A 245 -4.16 3.05 17.84
CA HIS A 245 -4.37 3.61 16.49
C HIS A 245 -5.50 2.87 15.78
N TRP A 246 -6.32 3.61 15.02
CA TRP A 246 -7.10 2.94 13.98
C TRP A 246 -6.15 2.68 12.83
N GLY A 247 -6.35 1.56 12.14
CA GLY A 247 -5.67 1.28 10.91
C GLY A 247 -6.40 1.89 9.75
N LEU A 248 -5.72 1.96 8.62
CA LEU A 248 -6.30 2.53 7.41
C LEU A 248 -6.34 1.45 6.35
N LEU A 249 -7.49 1.30 5.70
CA LEU A 249 -7.68 0.39 4.58
C LEU A 249 -7.82 1.24 3.32
N CYS A 250 -6.98 0.96 2.32
CA CYS A 250 -6.96 1.75 1.09
C CYS A 250 -7.07 0.83 -0.12
N THR A 251 -8.00 1.16 -0.99
CA THR A 251 -8.13 0.50 -2.29
C THR A 251 -7.76 1.52 -3.38
N LEU A 252 -6.92 1.11 -4.33
CA LEU A 252 -6.44 2.00 -5.40
C LEU A 252 -6.60 1.35 -6.79
N ASN A 253 -6.75 2.18 -7.81
CA ASN A 253 -6.73 1.67 -9.17
C ASN A 253 -5.36 1.93 -9.79
N VAL A 254 -4.79 0.86 -10.33
CA VAL A 254 -3.60 0.91 -11.18
C VAL A 254 -4.05 0.98 -12.65
N VAL A 255 -3.62 2.02 -13.36
CA VAL A 255 -3.98 2.29 -14.76
C VAL A 255 -2.70 2.38 -15.58
N LEU A 256 -2.59 1.55 -16.63
CA LEU A 256 -1.37 1.51 -17.41
C LEU A 256 -1.17 2.77 -18.30
N ASN B 7 -8.48 13.77 -19.92
CA ASN B 7 -9.88 13.75 -19.50
C ASN B 7 -9.99 12.92 -18.23
N ASN B 8 -8.82 12.55 -17.66
CA ASN B 8 -8.71 11.72 -16.45
C ASN B 8 -9.33 10.34 -16.68
N ASP B 9 -9.30 9.88 -17.93
CA ASP B 9 -10.08 8.73 -18.39
C ASP B 9 -9.16 7.59 -18.84
N HIS B 10 -9.69 6.38 -18.72
CA HIS B 10 -9.04 5.15 -19.13
C HIS B 10 -10.14 4.21 -19.57
N ILE B 11 -9.76 2.99 -19.92
CA ILE B 11 -10.72 1.98 -20.30
C ILE B 11 -10.30 0.68 -19.65
N ASN B 12 -11.26 -0.23 -19.59
CA ASN B 12 -11.08 -1.56 -19.04
C ASN B 12 -10.87 -2.50 -20.22
N LEU B 13 -9.77 -3.24 -20.20
CA LEU B 13 -9.52 -4.25 -21.21
C LEU B 13 -9.39 -5.58 -20.53
N LYS B 14 -9.92 -6.59 -21.17
CA LYS B 14 -9.78 -7.96 -20.70
C LYS B 14 -8.83 -8.73 -21.60
N VAL B 15 -7.95 -9.53 -21.00
CA VAL B 15 -7.11 -10.51 -21.72
C VAL B 15 -7.62 -11.91 -21.43
N ALA B 16 -8.07 -12.60 -22.47
CA ALA B 16 -8.63 -13.93 -22.35
C ALA B 16 -7.67 -14.97 -22.91
N GLY B 17 -7.47 -16.05 -22.19
CA GLY B 17 -6.51 -17.04 -22.62
C GLY B 17 -7.16 -18.25 -23.23
N GLN B 18 -6.35 -19.06 -23.91
CA GLN B 18 -6.84 -20.36 -24.32
C GLN B 18 -7.32 -21.14 -23.12
N ASP B 19 -6.71 -20.87 -21.95
CA ASP B 19 -6.98 -21.59 -20.70
C ASP B 19 -8.32 -21.23 -20.05
N GLY B 20 -9.09 -20.26 -20.59
CA GLY B 20 -10.34 -19.83 -19.98
C GLY B 20 -10.21 -18.68 -18.99
N SER B 21 -9.00 -18.39 -18.54
CA SER B 21 -8.76 -17.25 -17.68
C SER B 21 -9.05 -15.96 -18.41
N VAL B 22 -9.78 -15.07 -17.73
CA VAL B 22 -9.96 -13.69 -18.13
C VAL B 22 -9.36 -12.79 -17.03
N VAL B 23 -8.56 -11.81 -17.43
CA VAL B 23 -7.89 -10.89 -16.51
C VAL B 23 -8.13 -9.47 -16.97
N GLN B 24 -8.65 -8.63 -16.07
CA GLN B 24 -8.96 -7.24 -16.39
C GLN B 24 -7.77 -6.29 -16.09
N PHE B 25 -7.62 -5.25 -16.92
CA PHE B 25 -6.58 -4.24 -16.76
C PHE B 25 -7.24 -2.91 -17.05
N LYS B 26 -6.75 -1.85 -16.40
CA LYS B 26 -7.15 -0.53 -16.83
C LYS B 26 -5.99 0.14 -17.55
N ILE B 27 -6.30 0.79 -18.67
CA ILE B 27 -5.29 1.41 -19.51
C ILE B 27 -5.82 2.71 -20.11
N LYS B 28 -4.97 3.73 -20.17
CA LYS B 28 -5.38 4.95 -20.89
C LYS B 28 -5.35 4.72 -22.39
N ARG B 29 -6.09 5.55 -23.13
CA ARG B 29 -6.35 5.25 -24.54
C ARG B 29 -5.13 5.48 -25.43
N HIS B 30 -4.16 6.24 -24.96
CA HIS B 30 -2.93 6.55 -25.67
C HIS B 30 -1.72 5.99 -24.95
N THR B 31 -1.93 4.98 -24.10
CA THR B 31 -0.82 4.22 -23.57
C THR B 31 -0.48 3.14 -24.59
N PRO B 32 0.80 2.96 -24.90
CA PRO B 32 1.17 1.89 -25.82
C PRO B 32 0.83 0.53 -25.21
N LEU B 33 0.28 -0.33 -26.04
CA LEU B 33 -0.19 -1.62 -25.55
C LEU B 33 0.93 -2.52 -25.10
N SER B 34 2.17 -2.20 -25.43
CA SER B 34 3.29 -2.98 -24.90
C SER B 34 3.24 -3.01 -23.38
N LYS B 35 2.87 -1.89 -22.75
CA LYS B 35 2.77 -1.87 -21.31
C LYS B 35 1.79 -2.91 -20.80
N LEU B 36 0.68 -3.08 -21.50
CA LEU B 36 -0.27 -4.10 -21.07
C LEU B 36 0.26 -5.51 -21.33
N MET B 37 0.88 -5.73 -22.48
CA MET B 37 1.48 -7.04 -22.76
C MET B 37 2.56 -7.39 -21.73
N LYS B 38 3.41 -6.43 -21.39
CA LYS B 38 4.44 -6.69 -20.40
C LYS B 38 3.84 -7.03 -19.03
N ALA B 39 2.79 -6.31 -18.62
CA ALA B 39 2.10 -6.58 -17.35
C ALA B 39 1.51 -7.98 -17.34
N TYR B 40 0.82 -8.38 -18.41
CA TYR B 40 0.21 -9.72 -18.47
C TYR B 40 1.27 -10.81 -18.37
N CYS B 41 2.43 -10.58 -18.98
CA CYS B 41 3.51 -11.57 -18.88
C CYS B 41 4.02 -11.65 -17.44
N GLU B 42 4.18 -10.50 -16.78
CA GLU B 42 4.58 -10.50 -15.39
C GLU B 42 3.56 -11.21 -14.51
N ARG B 43 2.26 -10.86 -14.66
CA ARG B 43 1.26 -11.44 -13.74
C ARG B 43 1.19 -12.95 -13.92
N GLN B 44 1.09 -13.44 -15.16
CA GLN B 44 0.94 -14.87 -15.44
C GLN B 44 2.26 -15.64 -15.48
N GLY B 45 3.41 -14.97 -15.39
CA GLY B 45 4.69 -15.67 -15.46
C GLY B 45 4.91 -16.35 -16.79
N LEU B 46 4.77 -15.58 -17.86
CA LEU B 46 4.95 -16.04 -19.22
C LEU B 46 5.89 -15.05 -19.92
N SER B 47 6.59 -15.52 -20.95
CA SER B 47 7.45 -14.65 -21.73
C SER B 47 6.74 -14.25 -23.02
N MET B 48 7.12 -13.09 -23.55
CA MET B 48 6.58 -12.70 -24.84
C MET B 48 6.78 -13.78 -25.88
N ARG B 49 7.94 -14.43 -25.87
CA ARG B 49 8.36 -15.29 -26.96
C ARG B 49 7.38 -16.44 -27.21
N GLN B 50 6.66 -16.89 -26.18
CA GLN B 50 5.78 -18.05 -26.32
C GLN B 50 4.33 -17.69 -26.67
N ILE B 51 3.85 -16.53 -26.24
CA ILE B 51 2.47 -16.12 -26.43
C ILE B 51 2.41 -15.00 -27.46
N ARG B 52 1.22 -14.85 -28.05
CA ARG B 52 0.94 -13.77 -28.97
C ARG B 52 -0.43 -13.17 -28.68
N PHE B 53 -0.54 -11.88 -28.94
CA PHE B 53 -1.73 -11.09 -28.66
C PHE B 53 -2.42 -10.68 -29.96
N ARG B 54 -3.73 -10.81 -29.97
CA ARG B 54 -4.54 -10.37 -31.10
C ARG B 54 -5.72 -9.57 -30.59
N PHE B 55 -6.23 -8.73 -31.48
CA PHE B 55 -7.44 -7.95 -31.22
C PHE B 55 -8.26 -7.89 -32.49
N ASP B 56 -9.57 -8.15 -32.34
CA ASP B 56 -10.48 -8.35 -33.46
C ASP B 56 -9.72 -8.91 -34.65
N GLY B 57 -9.12 -10.07 -34.43
CA GLY B 57 -8.52 -10.81 -35.50
C GLY B 57 -7.08 -10.49 -35.81
N GLN B 58 -6.61 -9.30 -35.46
CA GLN B 58 -5.34 -8.83 -35.97
C GLN B 58 -4.24 -8.84 -34.88
N PRO B 59 -3.00 -9.12 -35.25
CA PRO B 59 -1.92 -9.04 -34.27
C PRO B 59 -1.78 -7.61 -33.77
N ILE B 60 -1.07 -7.47 -32.65
CA ILE B 60 -0.93 -6.20 -31.96
C ILE B 60 0.54 -5.81 -31.94
N ASN B 61 0.87 -4.68 -32.57
CA ASN B 61 2.20 -4.07 -32.39
C ASN B 61 2.30 -3.45 -31.02
N GLU B 62 3.49 -3.59 -30.42
CA GLU B 62 3.78 -2.95 -29.14
C GLU B 62 3.50 -1.45 -29.18
N THR B 63 3.69 -0.80 -30.32
CA THR B 63 3.61 0.66 -30.35
C THR B 63 2.18 1.16 -30.40
N ASP B 64 1.25 0.30 -30.78
CA ASP B 64 -0.12 0.71 -31.01
C ASP B 64 -0.88 0.93 -29.72
N THR B 65 -1.69 1.96 -29.71
CA THR B 65 -2.50 2.36 -28.59
C THR B 65 -3.89 1.79 -28.72
N PRO B 66 -4.60 1.65 -27.62
CA PRO B 66 -6.05 1.41 -27.72
C PRO B 66 -6.75 2.39 -28.67
N ALA B 67 -6.43 3.71 -28.57
CA ALA B 67 -7.05 4.72 -29.43
C ALA B 67 -6.88 4.39 -30.91
N GLN B 68 -5.64 4.02 -31.31
CA GLN B 68 -5.33 3.73 -32.71
C GLN B 68 -6.02 2.47 -33.19
N LEU B 69 -6.23 1.50 -32.30
CA LEU B 69 -6.96 0.29 -32.66
C LEU B 69 -8.45 0.45 -32.41
N GLU B 70 -8.87 1.67 -32.07
CA GLU B 70 -10.24 2.01 -31.71
C GLU B 70 -10.81 1.01 -30.73
N MET B 71 -10.04 0.70 -29.69
CA MET B 71 -10.58 -0.11 -28.61
C MET B 71 -11.56 0.70 -27.78
N GLU B 72 -12.39 -0.02 -27.03
CA GLU B 72 -13.48 0.55 -26.24
C GLU B 72 -13.50 -0.16 -24.90
N ASP B 73 -14.20 0.44 -23.95
CA ASP B 73 -14.31 -0.12 -22.61
C ASP B 73 -14.90 -1.51 -22.68
N GLU B 74 -14.31 -2.46 -21.95
CA GLU B 74 -14.80 -3.85 -21.82
C GLU B 74 -14.50 -4.70 -23.03
N ASP B 75 -13.67 -4.21 -23.94
CA ASP B 75 -13.15 -5.05 -25.00
C ASP B 75 -12.21 -6.10 -24.47
N THR B 76 -12.05 -7.14 -25.27
CA THR B 76 -11.23 -8.30 -24.93
C THR B 76 -10.12 -8.49 -25.96
N ILE B 77 -8.88 -8.57 -25.46
CA ILE B 77 -7.72 -9.02 -26.21
C ILE B 77 -7.56 -10.52 -26.03
N ASP B 78 -7.32 -11.23 -27.13
CA ASP B 78 -7.11 -12.66 -27.09
C ASP B 78 -5.63 -13.00 -27.11
N VAL B 79 -5.24 -14.04 -26.37
CA VAL B 79 -3.84 -14.44 -26.28
C VAL B 79 -3.69 -15.92 -26.60
N PHE B 80 -2.69 -16.24 -27.41
CA PHE B 80 -2.49 -17.59 -27.91
C PHE B 80 -1.09 -18.10 -27.58
N GLN B 81 -1.00 -19.34 -27.15
CA GLN B 81 0.26 -20.02 -26.92
C GLN B 81 0.88 -20.52 -28.24
CA CA C . 2.62 2.73 21.15
C ACT D . -13.12 -3.49 11.44
O ACT D . -13.21 -3.56 10.19
OXT ACT D . -13.28 -2.34 11.93
CH3 ACT D . -12.85 -4.70 12.29
#